data_3NBC
#
_entry.id   3NBC
#
_cell.length_a   54.789
_cell.length_b   55.898
_cell.length_c   112.414
_cell.angle_alpha   90.000
_cell.angle_beta   90.000
_cell.angle_gamma   90.000
#
_symmetry.space_group_name_H-M   'P 21 21 21'
#
loop_
_entity.id
_entity.type
_entity.pdbx_description
1 polymer 'Ricin B-like lectin'
2 branched beta-D-galactopyranose-(1-4)-beta-D-glucopyranose
3 water water
#
_entity_poly.entity_id   1
_entity_poly.type   'polypeptide(L)'
_entity_poly.pdbx_seq_one_letter_code
;SITPGTYNITNVAYTNRLIDLTGSNPAENTLIIGHHLNKTPSGYGNQQWTLVQLPHTTIYTMQAVNPQSYVRVRDDNLVD
GAALVGSQQPTPVSIESAGNSGQFRIKIPNLGLALTLPSDANSTPIVLGEVDETSTNQLWAFESVSAV
;
_entity_poly.pdbx_strand_id   A,B
#
# COMPACT_ATOMS: atom_id res chain seq x y z
N SER A 1 -4.40 -2.80 14.59
CA SER A 1 -5.07 -2.32 13.39
C SER A 1 -6.48 -2.91 13.22
N ILE A 2 -7.53 -2.35 12.45
CA ILE A 2 -8.87 -3.02 12.35
C ILE A 2 -8.73 -4.47 11.78
N THR A 3 -9.44 -5.43 12.44
CA THR A 3 -9.41 -6.82 11.98
C THR A 3 -10.06 -6.99 10.56
N PRO A 4 -9.40 -7.75 9.60
CA PRO A 4 -10.03 -8.01 8.25
C PRO A 4 -11.44 -8.70 8.40
N GLY A 5 -12.33 -8.43 7.43
CA GLY A 5 -13.71 -9.03 7.46
C GLY A 5 -14.69 -8.13 6.68
N THR A 6 -16.02 -8.44 6.80
CA THR A 6 -17.11 -7.72 6.07
C THR A 6 -17.94 -6.83 7.08
N TYR A 7 -18.15 -5.55 6.69
CA TYR A 7 -18.73 -4.51 7.62
C TYR A 7 -19.73 -3.54 6.88
N ASN A 8 -20.73 -3.03 7.67
CA ASN A 8 -21.33 -1.66 7.35
C ASN A 8 -20.37 -0.56 7.92
N ILE A 9 -20.33 0.61 7.25
CA ILE A 9 -19.37 1.73 7.63
C ILE A 9 -20.23 3.03 7.79
N THR A 10 -20.37 3.52 9.05
N THR A 10 -20.34 3.52 9.07
CA THR A 10 -21.21 4.68 9.42
CA THR A 10 -21.22 4.68 9.40
C THR A 10 -20.31 5.93 9.72
C THR A 10 -20.32 5.94 9.71
N ASN A 11 -20.82 7.16 9.30
CA ASN A 11 -20.07 8.43 9.58
C ASN A 11 -20.25 8.81 11.11
N VAL A 12 -19.21 9.46 11.70
CA VAL A 12 -19.26 9.89 13.17
C VAL A 12 -20.05 11.24 13.35
N ALA A 13 -19.88 12.23 12.41
CA ALA A 13 -20.74 13.51 12.44
C ALA A 13 -22.22 13.16 12.17
N TYR A 14 -22.45 12.28 11.18
CA TYR A 14 -23.78 11.96 10.61
C TYR A 14 -24.12 10.43 10.77
N THR A 15 -24.61 10.04 11.98
CA THR A 15 -24.71 8.61 12.37
C THR A 15 -25.87 7.81 11.68
N ASN A 16 -26.77 8.57 11.01
CA ASN A 16 -27.84 8.01 10.14
C ASN A 16 -27.36 7.74 8.65
N ARG A 17 -26.05 7.91 8.35
CA ARG A 17 -25.50 7.73 6.96
C ARG A 17 -24.42 6.60 6.88
N LEU A 18 -24.64 5.65 5.97
CA LEU A 18 -23.73 4.53 5.59
C LEU A 18 -22.99 4.85 4.25
N ILE A 19 -21.74 4.32 4.07
CA ILE A 19 -21.05 4.30 2.74
C ILE A 19 -21.89 3.33 1.78
N ASP A 20 -22.29 3.87 0.56
CA ASP A 20 -23.31 3.19 -0.31
C ASP A 20 -22.87 3.38 -1.85
N LEU A 21 -22.88 2.21 -2.58
CA LEU A 21 -22.63 2.24 -4.07
C LEU A 21 -24.01 2.57 -4.81
N THR A 22 -24.10 3.76 -5.47
CA THR A 22 -25.39 4.27 -6.01
C THR A 22 -26.15 3.15 -6.84
N GLY A 23 -27.45 2.92 -6.45
CA GLY A 23 -28.38 2.09 -7.31
C GLY A 23 -27.96 0.61 -7.49
N SER A 24 -26.98 0.08 -6.68
CA SER A 24 -26.41 -1.28 -6.94
C SER A 24 -25.87 -1.40 -8.46
N ASN A 25 -25.33 -0.26 -8.95
CA ASN A 25 -24.91 -0.20 -10.42
C ASN A 25 -23.46 -0.75 -10.62
N PRO A 26 -23.25 -1.81 -11.48
CA PRO A 26 -21.89 -2.42 -11.68
C PRO A 26 -20.93 -1.56 -12.60
N ALA A 27 -21.50 -0.48 -13.30
CA ALA A 27 -20.69 0.28 -14.29
C ALA A 27 -19.42 0.93 -13.66
N GLU A 28 -18.30 0.98 -14.46
CA GLU A 28 -17.11 1.89 -14.10
C GLU A 28 -17.65 3.32 -13.82
N ASN A 29 -17.01 4.02 -12.81
CA ASN A 29 -17.27 5.47 -12.51
C ASN A 29 -18.62 5.78 -11.82
N THR A 30 -19.32 4.73 -11.29
CA THR A 30 -20.58 4.90 -10.45
C THR A 30 -20.18 5.66 -9.11
N LEU A 31 -20.95 6.76 -8.75
CA LEU A 31 -20.60 7.52 -7.51
C LEU A 31 -20.81 6.69 -6.19
N ILE A 32 -19.87 6.84 -5.24
CA ILE A 32 -20.02 6.35 -3.82
C ILE A 32 -20.54 7.56 -2.96
N ILE A 33 -21.66 7.31 -2.19
CA ILE A 33 -22.48 8.37 -1.51
C ILE A 33 -22.72 7.98 0.01
N GLY A 34 -23.15 9.02 0.81
CA GLY A 34 -23.78 8.74 2.13
C GLY A 34 -25.33 8.53 2.00
N HIS A 35 -25.90 7.46 2.61
CA HIS A 35 -27.37 7.16 2.44
C HIS A 35 -27.93 6.42 3.68
N HIS A 36 -29.25 6.60 3.99
CA HIS A 36 -29.88 5.77 5.02
CA HIS A 36 -29.89 5.76 5.08
C HIS A 36 -29.76 4.23 4.82
N LEU A 37 -29.68 3.45 5.94
CA LEU A 37 -29.68 1.97 5.91
C LEU A 37 -30.87 1.45 5.02
N ASN A 38 -30.61 0.56 4.01
CA ASN A 38 -31.66 0.23 2.99
C ASN A 38 -32.37 -1.18 3.19
N LYS A 39 -32.04 -1.92 4.28
CA LYS A 39 -32.62 -3.27 4.62
C LYS A 39 -32.24 -3.56 6.13
N THR A 40 -33.15 -4.18 6.94
CA THR A 40 -32.78 -4.66 8.33
CA THR A 40 -32.68 -4.61 8.31
C THR A 40 -32.25 -6.13 8.21
N PRO A 41 -31.17 -6.54 8.95
CA PRO A 41 -30.42 -5.65 9.95
C PRO A 41 -29.18 -4.91 9.33
N SER A 42 -28.70 -5.35 8.12
CA SER A 42 -27.32 -5.01 7.61
C SER A 42 -27.27 -4.59 6.10
N GLY A 43 -28.41 -4.11 5.56
CA GLY A 43 -28.43 -3.57 4.17
C GLY A 43 -28.44 -4.74 3.07
N TYR A 44 -28.53 -4.33 1.81
CA TYR A 44 -28.29 -5.24 0.70
C TYR A 44 -26.77 -5.43 0.52
N GLY A 45 -26.33 -5.85 -0.66
CA GLY A 45 -24.88 -6.01 -0.90
C GLY A 45 -24.11 -4.70 -1.32
N ASN A 46 -24.90 -3.61 -1.73
CA ASN A 46 -24.26 -2.32 -2.10
C ASN A 46 -23.90 -1.42 -0.81
N GLN A 47 -24.24 -1.92 0.40
CA GLN A 47 -23.91 -1.23 1.70
C GLN A 47 -22.96 -2.15 2.60
N GLN A 48 -22.46 -3.28 2.03
CA GLN A 48 -21.56 -4.24 2.78
C GLN A 48 -20.17 -4.24 2.10
N TRP A 49 -19.09 -4.01 2.88
CA TRP A 49 -17.71 -3.78 2.32
C TRP A 49 -16.72 -4.80 3.00
N THR A 50 -16.03 -5.58 2.12
CA THR A 50 -15.00 -6.59 2.58
C THR A 50 -13.56 -5.89 2.56
N LEU A 51 -12.91 -5.88 3.73
CA LEU A 51 -11.55 -5.30 3.94
C LEU A 51 -10.48 -6.45 3.85
N VAL A 52 -9.45 -6.29 2.96
CA VAL A 52 -8.29 -7.23 2.79
C VAL A 52 -7.00 -6.39 3.16
N GLN A 53 -6.18 -6.94 4.11
CA GLN A 53 -4.98 -6.22 4.69
C GLN A 53 -3.65 -6.83 4.15
N LEU A 54 -2.63 -5.90 3.89
CA LEU A 54 -1.20 -6.33 3.65
C LEU A 54 -0.54 -6.56 5.07
N PRO A 55 -0.13 -7.84 5.42
CA PRO A 55 0.33 -8.10 6.84
C PRO A 55 1.50 -7.12 7.30
N HIS A 56 1.48 -6.77 8.61
CA HIS A 56 2.57 -5.95 9.27
C HIS A 56 2.54 -4.46 8.73
N THR A 57 1.39 -4.01 8.19
CA THR A 57 1.18 -2.61 7.72
C THR A 57 -0.31 -2.19 8.08
N THR A 58 -0.63 -0.88 7.83
CA THR A 58 -2.04 -0.39 7.90
C THR A 58 -2.65 -0.16 6.46
N ILE A 59 -2.12 -0.86 5.41
CA ILE A 59 -2.61 -0.67 3.99
C ILE A 59 -3.68 -1.82 3.66
N TYR A 60 -4.82 -1.39 3.07
CA TYR A 60 -6.00 -2.26 2.72
C TYR A 60 -6.57 -1.94 1.30
N THR A 61 -7.33 -2.94 0.74
CA THR A 61 -8.35 -2.64 -0.28
C THR A 61 -9.80 -2.80 0.36
N MET A 62 -10.80 -2.15 -0.31
CA MET A 62 -12.24 -2.22 0.10
C MET A 62 -13.10 -2.66 -1.15
N GLN A 63 -13.95 -3.75 -1.00
CA GLN A 63 -14.74 -4.30 -2.17
C GLN A 63 -16.23 -4.56 -1.71
N ALA A 64 -17.22 -4.04 -2.50
CA ALA A 64 -18.66 -4.31 -2.12
C ALA A 64 -18.99 -5.82 -2.37
N VAL A 65 -20.02 -6.33 -1.58
CA VAL A 65 -20.46 -7.74 -1.67
C VAL A 65 -21.25 -8.01 -3.05
N ASN A 66 -22.17 -7.07 -3.46
CA ASN A 66 -22.87 -7.23 -4.76
C ASN A 66 -23.43 -5.83 -5.25
N PRO A 67 -23.16 -5.41 -6.51
CA PRO A 67 -22.11 -6.02 -7.42
C PRO A 67 -20.68 -5.86 -6.80
N GLN A 68 -19.70 -6.66 -7.31
CA GLN A 68 -18.34 -6.78 -6.69
C GLN A 68 -17.36 -5.62 -7.21
N SER A 69 -17.75 -4.35 -6.95
CA SER A 69 -16.91 -3.17 -7.31
C SER A 69 -15.97 -2.73 -6.13
N TYR A 70 -14.67 -2.45 -6.45
CA TYR A 70 -13.71 -1.82 -5.45
C TYR A 70 -13.95 -0.30 -5.32
N VAL A 71 -13.55 0.28 -4.12
CA VAL A 71 -13.41 1.73 -3.95
C VAL A 71 -12.13 2.23 -4.73
N ARG A 72 -12.32 3.32 -5.57
CA ARG A 72 -11.23 3.99 -6.36
C ARG A 72 -11.43 5.51 -6.34
N VAL A 73 -10.29 6.29 -6.34
CA VAL A 73 -10.35 7.75 -6.65
C VAL A 73 -10.47 7.93 -8.21
N ARG A 74 -11.51 8.68 -8.67
CA ARG A 74 -11.79 8.83 -10.11
C ARG A 74 -10.52 9.27 -10.92
N ASP A 75 -10.21 8.51 -11.98
CA ASP A 75 -9.04 8.77 -12.91
C ASP A 75 -7.63 8.77 -12.16
N ASP A 76 -7.57 8.15 -10.98
CA ASP A 76 -6.34 8.11 -10.15
C ASP A 76 -5.78 9.56 -9.89
N ASN A 77 -6.71 10.55 -9.73
CA ASN A 77 -6.35 12.00 -9.61
C ASN A 77 -6.30 12.38 -8.06
N LEU A 78 -5.08 12.21 -7.44
CA LEU A 78 -4.96 12.20 -5.94
C LEU A 78 -4.79 13.66 -5.41
N VAL A 79 -5.94 14.43 -5.47
CA VAL A 79 -5.96 15.89 -5.11
C VAL A 79 -7.25 16.22 -4.28
N ASP A 80 -7.18 17.36 -3.53
CA ASP A 80 -8.38 17.89 -2.77
C ASP A 80 -9.63 17.98 -3.69
N GLY A 81 -10.81 17.48 -3.17
CA GLY A 81 -12.10 17.57 -3.87
C GLY A 81 -12.44 16.42 -4.86
N ALA A 82 -11.43 15.50 -5.14
CA ALA A 82 -11.66 14.43 -6.16
C ALA A 82 -12.80 13.41 -5.67
N ALA A 83 -13.60 12.92 -6.67
CA ALA A 83 -14.73 11.96 -6.41
C ALA A 83 -14.20 10.52 -6.03
N LEU A 84 -14.91 9.86 -5.05
CA LEU A 84 -14.79 8.40 -4.85
C LEU A 84 -15.91 7.67 -5.76
N VAL A 85 -15.47 6.56 -6.43
CA VAL A 85 -16.32 5.81 -7.41
C VAL A 85 -16.05 4.27 -7.26
N GLY A 86 -17.02 3.46 -7.84
CA GLY A 86 -16.82 2.01 -8.02
C GLY A 86 -16.05 1.66 -9.34
N SER A 87 -15.13 0.62 -9.26
CA SER A 87 -14.30 0.19 -10.43
C SER A 87 -13.76 -1.25 -10.20
N GLN A 88 -13.37 -1.95 -11.31
CA GLN A 88 -12.60 -3.26 -11.16
C GLN A 88 -11.12 -3.06 -10.75
N GLN A 89 -10.58 -1.79 -10.74
CA GLN A 89 -9.17 -1.47 -10.30
C GLN A 89 -9.24 -0.69 -8.93
N PRO A 90 -8.78 -1.27 -7.76
CA PRO A 90 -8.85 -0.51 -6.45
C PRO A 90 -7.76 0.66 -6.35
N THR A 91 -8.10 1.66 -5.51
CA THR A 91 -7.01 2.57 -4.90
C THR A 91 -6.62 1.99 -3.48
N PRO A 92 -5.33 1.68 -3.23
CA PRO A 92 -4.92 1.29 -1.81
C PRO A 92 -5.20 2.49 -0.83
N VAL A 93 -5.74 2.13 0.38
CA VAL A 93 -6.03 3.15 1.46
C VAL A 93 -5.25 2.75 2.78
N SER A 94 -4.94 3.77 3.64
CA SER A 94 -4.34 3.54 4.99
C SER A 94 -5.45 3.80 6.08
N ILE A 95 -5.89 2.73 6.79
CA ILE A 95 -7.01 2.83 7.80
C ILE A 95 -6.34 2.94 9.19
N GLU A 96 -6.47 4.12 9.86
CA GLU A 96 -5.65 4.50 11.07
C GLU A 96 -6.56 4.87 12.28
N SER A 97 -6.33 4.22 13.44
CA SER A 97 -7.16 4.50 14.68
CA SER A 97 -7.11 4.48 14.69
C SER A 97 -7.05 5.99 15.08
N ALA A 98 -8.19 6.52 15.56
CA ALA A 98 -8.31 7.90 16.08
C ALA A 98 -8.55 8.05 17.60
N GLY A 99 -8.47 7.00 18.38
CA GLY A 99 -8.55 7.06 19.85
C GLY A 99 -9.87 6.79 20.56
N ASN A 100 -10.85 7.67 20.36
CA ASN A 100 -12.12 7.26 20.97
C ASN A 100 -12.30 5.90 20.33
N SER A 101 -12.62 4.94 21.22
CA SER A 101 -12.75 3.57 20.94
C SER A 101 -13.74 3.19 19.72
N GLY A 102 -13.15 2.52 18.76
CA GLY A 102 -13.83 2.10 17.55
C GLY A 102 -13.91 3.10 16.36
N GLN A 103 -13.28 4.28 16.48
CA GLN A 103 -13.26 5.32 15.40
C GLN A 103 -11.90 5.34 14.61
N PHE A 104 -11.98 5.68 13.29
CA PHE A 104 -10.81 5.62 12.36
C PHE A 104 -10.93 6.78 11.29
N ARG A 105 -9.72 7.18 10.73
CA ARG A 105 -9.67 7.91 9.44
C ARG A 105 -9.30 6.91 8.28
N ILE A 106 -9.88 7.12 7.06
CA ILE A 106 -9.56 6.32 5.82
C ILE A 106 -8.74 7.26 4.88
N LYS A 107 -7.39 7.16 4.93
CA LYS A 107 -6.47 8.16 4.30
CA LYS A 107 -6.44 8.14 4.31
C LYS A 107 -5.85 7.63 2.94
N ILE A 108 -5.37 8.58 2.10
CA ILE A 108 -4.50 8.23 0.92
C ILE A 108 -3.03 8.12 1.43
N PRO A 109 -2.34 6.92 1.27
CA PRO A 109 -0.99 6.74 1.88
C PRO A 109 0.02 7.89 1.48
N ASN A 110 0.70 8.40 2.57
CA ASN A 110 1.85 9.40 2.44
C ASN A 110 1.39 10.80 2.00
N LEU A 111 0.07 11.08 1.84
CA LEU A 111 -0.48 12.39 1.48
C LEU A 111 -1.44 12.89 2.69
N GLY A 112 -1.60 14.19 2.80
CA GLY A 112 -2.52 14.68 3.90
C GLY A 112 -4.01 14.78 3.44
N LEU A 113 -4.56 13.66 2.80
CA LEU A 113 -5.92 13.65 2.25
C LEU A 113 -6.72 12.42 2.85
N ALA A 114 -8.06 12.57 3.03
CA ALA A 114 -8.88 11.48 3.66
C ALA A 114 -10.34 11.54 3.14
N LEU A 115 -11.07 10.38 3.15
CA LEU A 115 -12.48 10.33 2.76
C LEU A 115 -13.34 11.23 3.74
N THR A 116 -14.22 12.12 3.14
CA THR A 116 -15.04 13.10 3.92
CA THR A 116 -15.07 13.10 3.93
C THR A 116 -16.50 13.09 3.39
N LEU A 117 -17.51 13.21 4.31
CA LEU A 117 -18.96 13.34 3.95
C LEU A 117 -19.38 14.79 4.23
N PRO A 118 -19.61 15.65 3.17
CA PRO A 118 -19.81 17.11 3.40
C PRO A 118 -21.13 17.61 4.05
N SER A 119 -22.19 16.78 4.12
CA SER A 119 -23.53 17.20 4.56
C SER A 119 -24.35 15.95 5.05
N ASP A 120 -25.45 16.16 5.87
CA ASP A 120 -26.41 15.08 6.16
C ASP A 120 -27.48 14.89 5.06
N ALA A 121 -27.48 15.72 3.95
CA ALA A 121 -28.57 15.56 2.92
C ALA A 121 -28.48 14.08 2.33
N ASN A 122 -29.65 13.37 2.23
CA ASN A 122 -29.61 11.99 1.75
C ASN A 122 -29.01 11.96 0.30
N SER A 123 -28.12 10.96 0.00
CA SER A 123 -27.51 10.71 -1.32
C SER A 123 -26.34 11.73 -1.69
N THR A 124 -25.79 12.44 -0.67
CA THR A 124 -24.59 13.38 -0.93
C THR A 124 -23.31 12.55 -1.33
N PRO A 125 -22.60 12.92 -2.45
CA PRO A 125 -21.33 12.16 -2.81
C PRO A 125 -20.20 12.36 -1.73
N ILE A 126 -19.44 11.22 -1.51
CA ILE A 126 -18.22 11.21 -0.68
C ILE A 126 -16.99 11.64 -1.57
N VAL A 127 -16.11 12.56 -0.99
CA VAL A 127 -14.95 13.17 -1.76
C VAL A 127 -13.71 13.17 -0.89
N LEU A 128 -12.50 13.41 -1.51
CA LEU A 128 -11.27 13.67 -0.72
C LEU A 128 -11.32 15.11 -0.09
N GLY A 129 -10.84 15.23 1.17
CA GLY A 129 -10.58 16.57 1.84
C GLY A 129 -9.29 16.53 2.66
N GLU A 130 -8.81 17.72 3.06
CA GLU A 130 -7.58 17.78 3.87
C GLU A 130 -7.79 17.21 5.31
N VAL A 131 -6.71 16.50 5.82
CA VAL A 131 -6.67 15.97 7.24
C VAL A 131 -6.61 17.15 8.27
N ASP A 132 -7.33 17.01 9.43
CA ASP A 132 -7.09 17.90 10.67
C ASP A 132 -7.23 16.99 11.94
N GLU A 133 -7.14 17.62 13.14
CA GLU A 133 -7.11 16.86 14.41
C GLU A 133 -8.50 16.78 15.11
N THR A 134 -9.53 17.49 14.58
CA THR A 134 -10.81 17.70 15.34
C THR A 134 -12.14 17.47 14.53
N SER A 135 -12.19 17.66 13.18
CA SER A 135 -13.48 17.61 12.47
C SER A 135 -14.09 16.15 12.44
N THR A 136 -15.35 16.02 12.82
CA THR A 136 -16.01 14.65 12.91
C THR A 136 -16.51 14.09 11.53
N ASN A 137 -16.61 14.97 10.49
CA ASN A 137 -17.14 14.51 9.14
C ASN A 137 -16.08 13.64 8.35
N GLN A 138 -14.81 13.58 8.84
CA GLN A 138 -13.75 12.68 8.26
C GLN A 138 -13.42 11.47 9.23
N LEU A 139 -14.28 11.24 10.28
CA LEU A 139 -14.14 10.06 11.17
C LEU A 139 -15.30 9.02 10.84
N TRP A 140 -14.94 7.70 10.96
CA TRP A 140 -15.85 6.56 10.58
C TRP A 140 -15.79 5.46 11.68
N ALA A 141 -16.94 4.72 11.84
CA ALA A 141 -17.05 3.57 12.77
C ALA A 141 -17.65 2.35 11.96
N PHE A 142 -17.57 1.13 12.56
CA PHE A 142 -17.79 -0.14 11.76
C PHE A 142 -18.80 -1.08 12.55
N GLU A 143 -19.78 -1.70 11.84
CA GLU A 143 -20.71 -2.75 12.38
C GLU A 143 -20.46 -4.10 11.63
N SER A 144 -20.07 -5.17 12.35
N SER A 144 -20.08 -5.17 12.34
CA SER A 144 -19.81 -6.48 11.63
CA SER A 144 -19.85 -6.47 11.64
C SER A 144 -21.13 -7.03 10.97
C SER A 144 -21.13 -7.04 10.98
N VAL A 145 -20.99 -7.67 9.81
CA VAL A 145 -22.09 -8.39 9.10
C VAL A 145 -22.03 -9.92 9.45
N SER A 146 -23.13 -10.46 9.96
CA SER A 146 -23.18 -11.87 10.33
C SER A 146 -23.77 -12.72 9.20
N ALA A 147 -22.88 -13.30 8.40
CA ALA A 147 -23.30 -14.13 7.28
C ALA A 147 -23.81 -15.49 7.76
N VAL A 148 -25.12 -15.69 7.67
CA VAL A 148 -25.73 -16.95 8.10
C VAL A 148 -27.25 -16.90 7.95
N SER B 1 3.03 -7.31 -13.60
CA SER B 1 3.49 -7.19 -12.20
CA SER B 1 3.53 -7.16 -12.18
C SER B 1 4.46 -8.36 -11.78
N ILE B 2 5.47 -8.16 -10.89
CA ILE B 2 6.33 -9.31 -10.30
CA ILE B 2 6.31 -9.26 -10.38
C ILE B 2 5.43 -10.24 -9.46
N THR B 3 5.45 -11.60 -9.72
CA THR B 3 4.64 -12.62 -8.98
CA THR B 3 4.57 -12.48 -8.90
C THR B 3 5.19 -12.76 -7.51
N PRO B 4 4.33 -12.95 -6.46
CA PRO B 4 4.90 -13.28 -5.06
C PRO B 4 5.86 -14.48 -5.08
N GLY B 5 6.92 -14.39 -4.26
CA GLY B 5 7.93 -15.51 -4.18
C GLY B 5 9.28 -14.93 -3.63
N THR B 6 10.35 -15.78 -3.67
CA THR B 6 11.70 -15.43 -3.15
C THR B 6 12.71 -15.24 -4.33
N TYR B 7 13.49 -14.11 -4.27
CA TYR B 7 14.35 -13.64 -5.41
C TYR B 7 15.73 -13.11 -4.95
N ASN B 8 16.75 -13.23 -5.87
CA ASN B 8 17.92 -12.26 -5.88
C ASN B 8 17.48 -11.01 -6.72
N ILE B 9 18.04 -9.82 -6.35
CA ILE B 9 17.63 -8.51 -6.99
C ILE B 9 18.96 -7.77 -7.42
N THR B 10 19.20 -7.66 -8.76
CA THR B 10 20.48 -7.06 -9.30
C THR B 10 20.17 -5.65 -9.92
N ASN B 11 21.24 -4.75 -9.81
CA ASN B 11 21.11 -3.39 -10.39
C ASN B 11 21.33 -3.42 -11.96
N VAL B 12 20.62 -2.51 -12.71
CA VAL B 12 20.78 -2.46 -14.22
C VAL B 12 22.11 -1.65 -14.64
N ALA B 13 22.39 -0.50 -13.93
CA ALA B 13 23.72 0.24 -14.24
C ALA B 13 24.93 -0.68 -13.91
N TYR B 14 24.89 -1.38 -12.73
CA TYR B 14 26.03 -2.15 -12.15
C TYR B 14 25.63 -3.64 -12.00
N THR B 15 25.79 -4.46 -13.13
CA THR B 15 25.17 -5.80 -13.20
C THR B 15 25.89 -6.88 -12.24
N ASN B 16 27.09 -6.53 -11.73
CA ASN B 16 27.82 -7.35 -10.71
C ASN B 16 27.40 -7.01 -9.22
N ARG B 17 26.28 -6.26 -9.02
CA ARG B 17 25.80 -5.86 -7.65
C ARG B 17 24.35 -6.33 -7.29
N LEU B 18 24.24 -7.11 -6.19
CA LEU B 18 22.94 -7.58 -5.57
C LEU B 18 22.58 -6.66 -4.35
N ILE B 19 21.25 -6.52 -4.07
CA ILE B 19 20.76 -5.92 -2.77
C ILE B 19 21.16 -6.93 -1.58
N ASP B 20 21.88 -6.37 -0.55
CA ASP B 20 22.56 -7.20 0.51
C ASP B 20 22.36 -6.52 1.94
N LEU B 21 21.95 -7.35 2.94
CA LEU B 21 21.90 -6.85 4.37
C LEU B 21 23.29 -7.08 5.06
N THR B 22 23.97 -5.94 5.46
CA THR B 22 25.38 -5.98 5.94
C THR B 22 25.59 -7.08 7.06
N GLY B 23 26.58 -7.99 6.80
CA GLY B 23 27.07 -8.92 7.88
C GLY B 23 25.99 -9.94 8.39
N SER B 24 24.84 -10.11 7.67
CA SER B 24 23.75 -10.98 8.17
C SER B 24 23.28 -10.56 9.63
N ASN B 25 23.30 -9.22 9.91
CA ASN B 25 23.03 -8.74 11.34
C ASN B 25 21.52 -8.39 11.53
N PRO B 26 20.81 -8.99 12.57
CA PRO B 26 19.35 -8.68 12.81
C PRO B 26 19.06 -7.28 13.46
N ALA B 27 20.14 -6.54 13.95
CA ALA B 27 19.91 -5.26 14.70
C ALA B 27 19.17 -4.16 13.85
N GLU B 28 18.33 -3.36 14.56
CA GLU B 28 17.77 -2.08 13.98
C GLU B 28 18.94 -1.22 13.40
N ASN B 29 18.69 -0.52 12.27
CA ASN B 29 19.63 0.48 11.69
C ASN B 29 20.93 -0.18 11.05
N THR B 30 20.93 -1.51 10.83
CA THR B 30 21.96 -2.21 9.99
C THR B 30 21.78 -1.72 8.48
N LEU B 31 22.91 -1.27 7.82
CA LEU B 31 22.76 -0.69 6.43
C LEU B 31 22.45 -1.79 5.35
N ILE B 32 21.56 -1.40 4.39
CA ILE B 32 21.35 -2.17 3.10
C ILE B 32 22.30 -1.56 2.01
N ILE B 33 23.09 -2.48 1.33
CA ILE B 33 24.25 -2.09 0.46
C ILE B 33 24.16 -2.87 -0.92
N GLY B 34 24.92 -2.35 -1.94
CA GLY B 34 25.20 -3.16 -3.18
C GLY B 34 26.49 -4.08 -2.96
N HIS B 35 26.43 -5.36 -3.37
CA HIS B 35 27.62 -6.27 -3.15
C HIS B 35 27.65 -7.43 -4.20
N HIS B 36 28.89 -7.87 -4.58
CA HIS B 36 29.07 -9.09 -5.43
C HIS B 36 28.31 -10.31 -4.79
N LEU B 37 27.81 -11.27 -5.64
CA LEU B 37 27.22 -12.54 -5.19
C LEU B 37 28.21 -13.22 -4.11
N ASN B 38 27.61 -13.72 -2.98
CA ASN B 38 28.46 -14.29 -1.86
C ASN B 38 28.39 -15.82 -1.73
N LYS B 39 27.71 -16.55 -2.64
CA LYS B 39 27.65 -18.06 -2.66
C LYS B 39 27.07 -18.47 -4.04
N THR B 40 27.63 -19.58 -4.67
CA THR B 40 26.99 -20.09 -5.92
CA THR B 40 27.08 -20.14 -5.93
C THR B 40 25.87 -21.12 -5.58
N PRO B 41 24.66 -21.06 -6.29
CA PRO B 41 24.33 -20.08 -7.45
C PRO B 41 23.48 -18.84 -7.00
N SER B 42 22.96 -18.85 -5.73
CA SER B 42 21.87 -17.88 -5.29
C SER B 42 22.16 -17.15 -3.94
N GLY B 43 23.44 -17.12 -3.47
CA GLY B 43 23.81 -16.35 -2.23
C GLY B 43 23.46 -17.12 -0.93
N TYR B 44 23.97 -16.55 0.23
CA TYR B 44 23.46 -16.84 1.59
C TYR B 44 22.07 -16.10 1.78
N GLY B 45 21.41 -16.33 2.94
CA GLY B 45 20.07 -15.75 3.23
C GLY B 45 19.99 -14.20 3.34
N ASN B 46 21.16 -13.50 3.48
CA ASN B 46 21.20 -12.02 3.52
C ASN B 46 21.16 -11.35 2.08
N GLN B 47 21.16 -12.20 1.00
CA GLN B 47 21.04 -11.75 -0.43
C GLN B 47 19.72 -12.33 -1.10
N GLN B 48 18.84 -12.96 -0.27
CA GLN B 48 17.53 -13.58 -0.79
C GLN B 48 16.35 -12.80 -0.10
N TRP B 49 15.39 -12.33 -0.95
CA TRP B 49 14.30 -11.40 -0.47
C TRP B 49 12.91 -12.05 -0.85
N THR B 50 12.05 -12.23 0.22
CA THR B 50 10.64 -12.77 0.03
C THR B 50 9.67 -11.54 -0.16
N LEU B 51 8.98 -11.53 -1.31
CA LEU B 51 8.00 -10.45 -1.69
CA LEU B 51 7.97 -10.48 -1.69
C LEU B 51 6.53 -11.00 -1.38
N VAL B 52 5.77 -10.20 -0.54
CA VAL B 52 4.33 -10.46 -0.23
C VAL B 52 3.54 -9.25 -0.88
N GLN B 53 2.49 -9.57 -1.70
CA GLN B 53 1.70 -8.55 -2.50
C GLN B 53 0.27 -8.36 -1.95
N LEU B 54 -0.21 -7.09 -1.90
CA LEU B 54 -1.68 -6.80 -1.66
C LEU B 54 -2.42 -7.06 -3.02
N PRO B 55 -3.38 -8.11 -3.08
CA PRO B 55 -3.93 -8.53 -4.44
C PRO B 55 -4.53 -7.34 -5.25
N HIS B 56 -4.30 -7.36 -6.60
CA HIS B 56 -4.91 -6.39 -7.60
C HIS B 56 -4.32 -4.95 -7.40
N THR B 57 -3.13 -4.84 -6.75
CA THR B 57 -2.37 -3.54 -6.62
C THR B 57 -0.84 -3.84 -6.95
N THR B 58 -0.01 -2.73 -7.00
CA THR B 58 1.46 -2.86 -7.07
C THR B 58 2.17 -2.62 -5.71
N ILE B 59 1.44 -2.79 -4.54
CA ILE B 59 2.02 -2.53 -3.19
C ILE B 59 2.54 -3.92 -2.56
N TYR B 60 3.77 -3.88 -2.05
CA TYR B 60 4.47 -5.09 -1.45
C TYR B 60 5.20 -4.70 -0.11
N THR B 61 5.49 -5.80 0.69
CA THR B 61 6.61 -5.77 1.67
C THR B 61 7.81 -6.66 1.12
N MET B 62 9.05 -6.34 1.60
CA MET B 62 10.30 -7.12 1.25
C MET B 62 10.97 -7.61 2.61
N GLN B 63 11.23 -8.94 2.74
CA GLN B 63 11.81 -9.50 4.03
C GLN B 63 13.00 -10.50 3.67
N ALA B 64 14.17 -10.32 4.30
CA ALA B 64 15.31 -11.28 4.01
C ALA B 64 14.97 -12.68 4.56
N VAL B 65 15.61 -13.76 3.94
CA VAL B 65 15.41 -15.16 4.37
C VAL B 65 16.10 -15.45 5.74
N ASN B 66 17.37 -14.95 5.94
CA ASN B 66 18.11 -15.16 7.25
C ASN B 66 19.17 -14.00 7.41
N PRO B 67 19.09 -13.19 8.49
CA PRO B 67 17.98 -13.12 9.50
C PRO B 67 16.68 -12.54 8.83
N GLN B 68 15.53 -12.64 9.54
CA GLN B 68 14.18 -12.25 8.98
C GLN B 68 13.87 -10.72 9.21
N SER B 69 14.81 -9.83 8.77
CA SER B 69 14.61 -8.35 8.82
C SER B 69 13.88 -7.85 7.53
N TYR B 70 12.94 -6.87 7.74
CA TYR B 70 12.27 -6.15 6.59
C TYR B 70 13.14 -4.93 6.10
N VAL B 71 12.95 -4.56 4.77
CA VAL B 71 13.45 -3.28 4.25
C VAL B 71 12.58 -2.09 4.84
N ARG B 72 13.31 -1.04 5.38
CA ARG B 72 12.67 0.18 5.97
C ARG B 72 13.53 1.44 5.61
N VAL B 73 12.84 2.61 5.39
CA VAL B 73 13.57 3.92 5.33
C VAL B 73 13.91 4.36 6.81
N ARG B 74 15.20 4.66 7.09
CA ARG B 74 15.67 5.03 8.48
CA ARG B 74 15.68 5.02 8.47
C ARG B 74 14.75 6.11 9.11
N ASP B 75 14.24 5.83 10.37
CA ASP B 75 13.37 6.81 11.14
C ASP B 75 12.08 7.18 10.41
N ASP B 76 11.63 6.36 9.39
CA ASP B 76 10.42 6.70 8.58
C ASP B 76 10.52 8.20 7.96
N ASN B 77 11.78 8.62 7.60
CA ASN B 77 12.06 10.02 7.13
C ASN B 77 12.05 10.05 5.56
N LEU B 78 10.85 10.27 4.98
CA LEU B 78 10.61 10.05 3.48
C LEU B 78 11.05 11.32 2.68
N VAL B 79 12.40 11.48 2.58
CA VAL B 79 13.04 12.69 1.90
C VAL B 79 14.25 12.21 1.01
N ASP B 80 14.59 13.10 0.03
CA ASP B 80 15.78 12.84 -0.87
C ASP B 80 17.08 12.58 -0.02
N GLY B 81 17.82 11.49 -0.38
CA GLY B 81 19.12 11.15 0.25
C GLY B 81 19.02 10.19 1.51
N ALA B 82 17.75 9.91 2.01
CA ALA B 82 17.61 9.09 3.27
C ALA B 82 18.14 7.61 3.06
N ALA B 83 18.74 7.04 4.17
CA ALA B 83 19.30 5.68 4.16
C ALA B 83 18.17 4.56 4.14
N LEU B 84 18.45 3.44 3.40
CA LEU B 84 17.69 2.15 3.56
C LEU B 84 18.47 1.23 4.63
N VAL B 85 17.65 0.62 5.53
CA VAL B 85 18.17 -0.21 6.67
C VAL B 85 17.25 -1.48 6.87
N GLY B 86 17.80 -2.48 7.65
CA GLY B 86 16.98 -3.59 8.15
C GLY B 86 16.25 -3.26 9.51
N SER B 87 14.99 -3.82 9.68
CA SER B 87 14.18 -3.53 10.91
C SER B 87 13.15 -4.67 11.17
N GLN B 88 12.63 -4.73 12.44
CA GLN B 88 11.44 -5.62 12.77
C GLN B 88 10.13 -5.10 12.08
N GLN B 89 10.05 -3.86 11.58
CA GLN B 89 8.81 -3.30 10.92
C GLN B 89 9.16 -2.84 9.45
N PRO B 90 8.30 -3.11 8.44
CA PRO B 90 8.59 -2.66 7.04
C PRO B 90 8.14 -1.21 6.68
N THR B 91 8.78 -0.62 5.64
CA THR B 91 8.14 0.50 4.84
C THR B 91 7.39 -0.18 3.61
N PRO B 92 6.08 0.04 3.43
CA PRO B 92 5.40 -0.47 2.14
C PRO B 92 6.06 0.23 0.90
N VAL B 93 6.30 -0.58 -0.18
CA VAL B 93 6.91 -0.07 -1.45
C VAL B 93 5.96 -0.35 -2.67
N SER B 94 6.04 0.48 -3.75
CA SER B 94 5.28 0.27 -4.99
C SER B 94 6.31 -0.19 -6.11
N ILE B 95 6.19 -1.46 -6.59
CA ILE B 95 7.19 -2.04 -7.56
C ILE B 95 6.53 -1.94 -8.97
N GLU B 96 7.07 -0.97 -9.77
CA GLU B 96 6.36 -0.39 -10.99
C GLU B 96 7.21 -0.70 -12.29
N SER B 97 6.60 -1.34 -13.29
CA SER B 97 7.29 -1.60 -14.54
C SER B 97 7.77 -0.26 -15.23
N ALA B 98 8.99 -0.32 -15.82
CA ALA B 98 9.59 0.83 -16.55
C ALA B 98 9.43 0.69 -18.12
N GLY B 99 10.13 1.52 -18.91
CA GLY B 99 10.02 1.37 -20.42
C GLY B 99 10.47 0.07 -21.13
N ASN B 100 11.46 -0.64 -20.59
CA ASN B 100 12.02 -1.90 -21.14
C ASN B 100 11.53 -3.16 -20.35
N SER B 101 11.30 -4.25 -21.08
CA SER B 101 10.82 -5.51 -20.53
C SER B 101 11.79 -6.12 -19.53
N GLY B 102 11.27 -6.33 -18.34
CA GLY B 102 11.95 -6.94 -17.24
C GLY B 102 12.73 -5.96 -16.29
N GLN B 103 12.59 -4.63 -16.48
CA GLN B 103 13.23 -3.62 -15.62
C GLN B 103 12.13 -2.92 -14.72
N PHE B 104 12.43 -2.83 -13.41
CA PHE B 104 11.40 -2.25 -12.44
C PHE B 104 12.08 -1.11 -11.57
N ARG B 105 11.23 -0.12 -11.23
CA ARG B 105 11.53 0.89 -10.18
C ARG B 105 10.93 0.43 -8.81
N ILE B 106 11.68 0.57 -7.69
CA ILE B 106 11.16 0.27 -6.31
C ILE B 106 10.89 1.66 -5.67
N LYS B 107 9.63 2.14 -5.75
CA LYS B 107 9.23 3.56 -5.47
C LYS B 107 8.53 3.70 -4.07
N ILE B 108 8.64 4.90 -3.44
CA ILE B 108 7.78 5.21 -2.25
C ILE B 108 6.36 5.57 -2.75
N PRO B 109 5.27 4.84 -2.27
CA PRO B 109 3.89 5.05 -2.83
C PRO B 109 3.48 6.58 -2.79
N ASN B 110 3.04 7.06 -4.00
CA ASN B 110 2.41 8.43 -4.15
C ASN B 110 3.44 9.64 -3.96
N LEU B 111 4.76 9.38 -3.80
CA LEU B 111 5.80 10.45 -3.67
C LEU B 111 6.87 10.28 -4.92
N GLY B 112 7.52 11.38 -5.30
CA GLY B 112 8.51 11.26 -6.40
C GLY B 112 9.94 10.83 -5.96
N LEU B 113 10.02 9.66 -5.17
CA LEU B 113 11.30 9.13 -4.63
C LEU B 113 11.42 7.61 -4.89
N ALA B 114 12.67 7.09 -5.14
CA ALA B 114 12.90 5.65 -5.47
C ALA B 114 14.28 5.16 -4.95
N LEU B 115 14.44 3.85 -4.70
CA LEU B 115 15.75 3.26 -4.29
C LEU B 115 16.81 3.42 -5.47
N THR B 116 18.07 3.84 -5.11
CA THR B 116 19.17 4.07 -6.13
CA THR B 116 19.16 4.06 -6.13
C THR B 116 20.54 3.62 -5.54
N LEU B 117 21.45 3.19 -6.48
CA LEU B 117 22.83 2.72 -6.13
C LEU B 117 23.86 3.72 -6.87
N PRO B 118 24.58 4.62 -6.04
CA PRO B 118 25.34 5.75 -6.74
C PRO B 118 26.74 5.37 -7.33
N SER B 119 27.31 4.19 -7.00
CA SER B 119 28.71 3.80 -7.37
C SER B 119 28.83 2.25 -7.50
N ASP B 120 29.82 1.75 -8.30
CA ASP B 120 30.14 0.30 -8.38
C ASP B 120 31.07 -0.25 -7.25
N ALA B 121 31.63 0.63 -6.32
CA ALA B 121 32.57 0.04 -5.29
C ALA B 121 31.77 -1.00 -4.41
N ASN B 122 32.37 -2.20 -4.10
CA ASN B 122 31.70 -3.13 -3.19
C ASN B 122 31.35 -2.43 -1.86
N SER B 123 30.12 -2.76 -1.33
CA SER B 123 29.61 -2.31 0.00
C SER B 123 29.16 -0.79 0.00
N THR B 124 28.91 -0.19 -1.19
CA THR B 124 28.31 1.17 -1.28
C THR B 124 26.83 1.15 -0.69
N PRO B 125 26.42 2.06 0.23
CA PRO B 125 25.01 2.04 0.75
C PRO B 125 23.99 2.46 -0.37
N ILE B 126 22.77 1.78 -0.29
CA ILE B 126 21.59 2.12 -1.12
C ILE B 126 20.75 3.23 -0.39
N VAL B 127 20.33 4.30 -1.15
CA VAL B 127 19.64 5.51 -0.58
C VAL B 127 18.43 5.89 -1.46
N LEU B 128 17.54 6.80 -0.94
CA LEU B 128 16.49 7.39 -1.84
C LEU B 128 17.09 8.50 -2.76
N GLY B 129 16.58 8.57 -4.02
CA GLY B 129 16.85 9.69 -4.99
C GLY B 129 15.53 10.14 -5.66
N GLU B 130 15.51 11.36 -6.27
CA GLU B 130 14.32 11.78 -7.05
CA GLU B 130 14.32 11.77 -7.04
C GLU B 130 14.08 10.79 -8.27
N VAL B 131 12.76 10.54 -8.59
CA VAL B 131 12.41 9.77 -9.82
C VAL B 131 13.07 10.50 -11.09
N ASP B 132 13.62 9.64 -11.99
CA ASP B 132 14.24 10.11 -13.30
C ASP B 132 13.99 8.95 -14.30
N GLU B 133 13.07 9.12 -15.26
CA GLU B 133 12.47 7.97 -16.01
C GLU B 133 13.45 6.94 -16.57
N THR B 134 14.47 7.46 -17.22
CA THR B 134 15.49 6.54 -17.91
C THR B 134 16.85 6.26 -17.11
N SER B 135 17.00 6.78 -15.85
CA SER B 135 18.30 6.63 -15.08
C SER B 135 18.45 5.09 -14.67
N THR B 136 19.48 4.40 -15.21
CA THR B 136 19.63 2.95 -14.92
C THR B 136 20.14 2.64 -13.47
N ASN B 137 20.69 3.70 -12.75
CA ASN B 137 21.10 3.49 -11.33
C ASN B 137 19.87 3.19 -10.37
N GLN B 138 18.65 3.60 -10.82
CA GLN B 138 17.36 3.33 -10.03
C GLN B 138 16.43 2.26 -10.72
N LEU B 139 17.05 1.42 -11.62
CA LEU B 139 16.27 0.27 -12.26
C LEU B 139 16.97 -1.07 -11.78
N TRP B 140 16.04 -2.12 -11.63
CA TRP B 140 16.42 -3.41 -11.00
C TRP B 140 15.77 -4.60 -11.82
N ALA B 141 16.49 -5.77 -11.78
CA ALA B 141 16.00 -7.06 -12.41
C ALA B 141 15.94 -8.14 -11.29
N PHE B 142 14.94 -9.10 -11.48
CA PHE B 142 14.62 -10.17 -10.50
C PHE B 142 14.99 -11.57 -11.09
N GLU B 143 15.78 -12.38 -10.30
CA GLU B 143 16.12 -13.81 -10.62
C GLU B 143 15.51 -14.76 -9.52
N SER B 144 14.67 -15.77 -9.87
CA SER B 144 14.05 -16.63 -8.85
CA SER B 144 14.09 -16.63 -8.84
C SER B 144 15.18 -17.46 -8.06
N VAL B 145 14.85 -17.73 -6.75
CA VAL B 145 15.62 -18.74 -5.92
C VAL B 145 14.84 -20.06 -6.01
N SER B 146 15.30 -21.01 -6.79
CA SER B 146 14.47 -22.20 -7.01
C SER B 146 14.90 -23.34 -6.11
N ALA B 147 13.97 -23.97 -5.39
CA ALA B 147 14.30 -25.08 -4.51
C ALA B 147 13.79 -26.40 -5.08
N VAL B 148 14.04 -27.48 -4.35
CA VAL B 148 13.61 -28.81 -4.77
C VAL B 148 12.50 -29.34 -3.88
#